data_2YRX
#
_entry.id   2YRX
#
_cell.length_a   50.792
_cell.length_b   83.362
_cell.length_c   96.450
_cell.angle_alpha   90.00
_cell.angle_beta   90.00
_cell.angle_gamma   90.00
#
_symmetry.space_group_name_H-M   'P 21 21 21'
#
loop_
_entity.id
_entity.type
_entity.pdbx_description
1 polymer 'Phosphoribosylglycinamide synthetase'
2 non-polymer 'PHOSPHATE ION'
3 non-polymer 'ADENOSINE MONOPHOSPHATE'
4 water water
#
_entity_poly.entity_id   1
_entity_poly.type   'polypeptide(L)'
_entity_poly.pdbx_seq_one_letter_code
;MGSSHHHHHHSSGENLYFQSHMNVLVIGRGGREHAIAWKAAQSPLVGKLYVAPGNPGIADVAELVHIDELDIEALVQFAK
QQAIDLTIVGPEAPLASGIVDRFMAEGLRIFGPSQRAALIEGSKAFAKELMKKYGIPTADHAAFTSYEEAKAYIEQKGAP
IVIKADGLAAGKGVTVAQTVEEALAAAKAALVDGQFGTAGSQVVIEEYLEGEEFSFMAFVNGEKVYPLAIAQDHKRAYDG
DEGPNTGGMGAYSPVPQISDEMMDAALEAILRPAAKALAAEGRPFLGVLYAGLMATANGPKVIEFNARFGDPEAQVVLPR
LKTDLVEAVLAVMDGKELELEWTDEAVLGVVLAAKGYPGAYERGAEIRGLDRISPDALLFHAGTKREGGAWYTNGGRVLL
LAAKGETLAKAKEKAYEQLAAIDCDGLFYRRDIGRRAIERASAAYTRMKGR
;
_entity_poly.pdbx_strand_id   A
#
loop_
_chem_comp.id
_chem_comp.type
_chem_comp.name
_chem_comp.formula
AMP non-polymer 'ADENOSINE MONOPHOSPHATE' 'C10 H14 N5 O7 P'
PO4 non-polymer 'PHOSPHATE ION' 'O4 P -3'
#
# COMPACT_ATOMS: atom_id res chain seq x y z
N ASN A 15 6.65 -2.45 27.75
CA ASN A 15 5.86 -2.19 28.99
C ASN A 15 4.67 -3.13 29.09
N LEU A 16 4.15 -3.55 27.94
CA LEU A 16 3.01 -4.46 27.90
C LEU A 16 3.44 -5.91 27.89
N TYR A 17 2.55 -6.78 28.34
CA TYR A 17 2.83 -8.21 28.37
C TYR A 17 1.89 -9.00 27.47
N PHE A 18 2.45 -9.99 26.78
CA PHE A 18 1.70 -10.86 25.88
C PHE A 18 2.37 -12.23 25.89
N GLN A 19 1.59 -13.27 25.62
CA GLN A 19 2.12 -14.63 25.60
C GLN A 19 3.20 -14.83 24.55
N SER A 20 4.26 -15.56 24.91
CA SER A 20 5.36 -15.79 23.99
C SER A 20 5.15 -17.09 23.22
N HIS A 21 6.23 -17.55 22.58
CA HIS A 21 6.20 -18.78 21.76
C HIS A 21 4.99 -18.85 20.85
N MET A 22 4.63 -17.71 20.27
CA MET A 22 3.47 -17.65 19.38
C MET A 22 3.76 -18.24 18.02
N ASN A 23 2.71 -18.78 17.40
CA ASN A 23 2.79 -19.32 16.06
C ASN A 23 2.14 -18.19 15.26
N VAL A 24 2.86 -17.66 14.28
CA VAL A 24 2.34 -16.58 13.47
C VAL A 24 2.29 -16.90 11.99
N LEU A 25 1.22 -16.48 11.33
CA LEU A 25 1.03 -16.71 9.91
C LEU A 25 0.84 -15.38 9.18
N VAL A 26 1.61 -15.19 8.11
CA VAL A 26 1.50 -13.98 7.31
C VAL A 26 0.98 -14.41 5.95
N ILE A 27 -0.04 -13.71 5.47
CA ILE A 27 -0.63 -14.05 4.18
C ILE A 27 -0.16 -13.10 3.10
N GLY A 28 0.42 -13.66 2.04
CA GLY A 28 0.90 -12.84 0.94
C GLY A 28 2.10 -13.46 0.26
N ARG A 29 2.62 -12.78 -0.76
CA ARG A 29 3.75 -13.30 -1.53
C ARG A 29 4.76 -12.25 -1.99
N GLY A 30 4.53 -10.99 -1.64
CA GLY A 30 5.42 -9.93 -2.10
C GLY A 30 6.43 -9.34 -1.13
N GLY A 31 6.97 -8.18 -1.51
CA GLY A 31 7.98 -7.51 -0.69
C GLY A 31 7.41 -7.02 0.62
N ARG A 32 6.15 -6.58 0.59
CA ARG A 32 5.47 -6.11 1.79
C ARG A 32 5.41 -7.25 2.80
N GLU A 33 5.11 -8.46 2.31
CA GLU A 33 5.03 -9.62 3.18
C GLU A 33 6.42 -10.03 3.67
N HIS A 34 7.44 -9.84 2.83
CA HIS A 34 8.80 -10.18 3.24
C HIS A 34 9.18 -9.23 4.38
N ALA A 35 8.78 -7.97 4.27
CA ALA A 35 9.08 -7.00 5.31
C ALA A 35 8.34 -7.35 6.60
N ILE A 36 7.07 -7.73 6.48
CA ILE A 36 6.29 -8.09 7.65
C ILE A 36 6.88 -9.31 8.34
N ALA A 37 7.20 -10.34 7.55
CA ALA A 37 7.79 -11.57 8.07
C ALA A 37 9.12 -11.30 8.75
N TRP A 38 9.96 -10.51 8.09
CA TRP A 38 11.28 -10.17 8.61
C TRP A 38 11.15 -9.46 9.97
N LYS A 39 10.20 -8.54 10.07
CA LYS A 39 9.99 -7.83 11.33
C LYS A 39 9.42 -8.76 12.40
N ALA A 40 8.48 -9.62 12.00
CA ALA A 40 7.87 -10.54 12.94
C ALA A 40 8.88 -11.54 13.48
N ALA A 41 9.77 -12.02 12.61
CA ALA A 41 10.78 -13.00 13.01
C ALA A 41 11.70 -12.49 14.11
N GLN A 42 11.81 -11.18 14.26
CA GLN A 42 12.67 -10.60 15.27
C GLN A 42 11.98 -10.39 16.60
N SER A 43 10.68 -10.66 16.65
CA SER A 43 9.91 -10.51 17.88
C SER A 43 10.22 -11.62 18.87
N PRO A 44 10.51 -11.26 20.14
CA PRO A 44 10.81 -12.28 21.15
C PRO A 44 9.56 -13.08 21.52
N LEU A 45 8.41 -12.63 21.01
CA LEU A 45 7.13 -13.29 21.28
C LEU A 45 6.83 -14.40 20.27
N VAL A 46 7.56 -14.43 19.16
CA VAL A 46 7.31 -15.43 18.13
C VAL A 46 8.14 -16.70 18.23
N GLY A 47 7.46 -17.83 18.17
CA GLY A 47 8.13 -19.12 18.23
C GLY A 47 8.24 -19.72 16.84
N LYS A 48 7.14 -19.70 16.10
CA LYS A 48 7.09 -20.24 14.74
C LYS A 48 6.43 -19.24 13.79
N LEU A 49 7.06 -19.02 12.63
CA LEU A 49 6.54 -18.07 11.66
C LEU A 49 6.33 -18.72 10.29
N TYR A 50 5.12 -18.57 9.76
CA TYR A 50 4.75 -19.12 8.47
C TYR A 50 4.28 -18.01 7.54
N VAL A 51 4.49 -18.21 6.24
CA VAL A 51 4.03 -17.26 5.24
C VAL A 51 3.37 -18.06 4.11
N ALA A 52 2.14 -17.71 3.78
CA ALA A 52 1.40 -18.40 2.72
C ALA A 52 0.95 -17.42 1.64
N PRO A 53 1.41 -17.60 0.40
CA PRO A 53 2.34 -18.67 -0.01
C PRO A 53 3.80 -18.23 0.06
N GLY A 54 4.02 -16.94 0.27
CA GLY A 54 5.37 -16.41 0.35
C GLY A 54 6.12 -16.55 -0.96
N ASN A 55 7.44 -16.46 -0.90
CA ASN A 55 8.31 -16.59 -2.07
C ASN A 55 9.70 -17.05 -1.60
N PRO A 56 10.60 -17.40 -2.53
CA PRO A 56 11.95 -17.86 -2.20
C PRO A 56 12.76 -16.99 -1.23
N GLY A 57 12.64 -15.67 -1.38
CA GLY A 57 13.36 -14.77 -0.50
C GLY A 57 12.80 -14.81 0.91
N ILE A 58 11.48 -14.92 1.02
CA ILE A 58 10.84 -14.96 2.32
C ILE A 58 11.21 -16.23 3.10
N ALA A 59 11.54 -17.30 2.37
CA ALA A 59 11.91 -18.56 2.98
C ALA A 59 13.13 -18.45 3.88
N ASP A 60 13.90 -17.37 3.72
CA ASP A 60 15.09 -17.15 4.53
C ASP A 60 14.77 -16.73 5.96
N VAL A 61 13.54 -16.27 6.18
CA VAL A 61 13.14 -15.83 7.52
C VAL A 61 11.88 -16.50 8.04
N ALA A 62 11.27 -17.37 7.24
CA ALA A 62 10.06 -18.05 7.67
C ALA A 62 9.77 -19.31 6.85
N GLU A 63 8.90 -20.16 7.36
CA GLU A 63 8.53 -21.39 6.64
C GLU A 63 7.41 -21.07 5.66
N LEU A 64 7.57 -21.50 4.41
CA LEU A 64 6.55 -21.27 3.39
C LEU A 64 5.42 -22.31 3.46
N VAL A 65 4.19 -21.84 3.28
CA VAL A 65 3.00 -22.69 3.28
C VAL A 65 2.40 -22.57 1.89
N HIS A 66 2.39 -23.67 1.15
CA HIS A 66 1.89 -23.68 -0.21
C HIS A 66 0.38 -23.65 -0.33
N ILE A 67 -0.21 -22.51 0.03
CA ILE A 67 -1.66 -22.29 -0.03
C ILE A 67 -1.88 -20.89 -0.60
N ASP A 68 -2.78 -20.79 -1.57
CA ASP A 68 -3.08 -19.50 -2.21
C ASP A 68 -3.76 -18.58 -1.21
N GLU A 69 -3.51 -17.27 -1.35
CA GLU A 69 -4.08 -16.28 -0.46
C GLU A 69 -5.62 -16.25 -0.51
N LEU A 70 -6.18 -16.68 -1.64
CA LEU A 70 -7.64 -16.69 -1.78
C LEU A 70 -8.29 -18.02 -1.42
N ASP A 71 -7.48 -19.03 -1.15
CA ASP A 71 -8.00 -20.35 -0.77
C ASP A 71 -8.31 -20.27 0.72
N ILE A 72 -9.27 -19.42 1.07
CA ILE A 72 -9.66 -19.18 2.45
C ILE A 72 -9.99 -20.40 3.29
N GLU A 73 -10.75 -21.33 2.74
CA GLU A 73 -11.10 -22.53 3.49
C GLU A 73 -9.86 -23.32 3.91
N ALA A 74 -8.84 -23.34 3.04
CA ALA A 74 -7.61 -24.06 3.36
C ALA A 74 -6.82 -23.30 4.43
N LEU A 75 -6.76 -21.98 4.31
CA LEU A 75 -6.02 -21.18 5.28
C LEU A 75 -6.63 -21.34 6.67
N VAL A 76 -7.96 -21.42 6.73
CA VAL A 76 -8.63 -21.59 8.01
C VAL A 76 -8.21 -22.93 8.63
N GLN A 77 -8.31 -23.98 7.82
CA GLN A 77 -7.94 -25.31 8.27
C GLN A 77 -6.49 -25.35 8.71
N PHE A 78 -5.60 -24.80 7.90
CA PHE A 78 -4.19 -24.78 8.23
C PHE A 78 -3.97 -24.06 9.57
N ALA A 79 -4.60 -22.90 9.71
CA ALA A 79 -4.46 -22.09 10.93
C ALA A 79 -4.91 -22.82 12.18
N LYS A 80 -6.01 -23.56 12.09
CA LYS A 80 -6.51 -24.29 13.23
C LYS A 80 -5.58 -25.47 13.52
N GLN A 81 -5.16 -26.14 12.45
CA GLN A 81 -4.27 -27.29 12.53
C GLN A 81 -2.94 -26.95 13.19
N GLN A 82 -2.31 -25.86 12.77
CA GLN A 82 -1.03 -25.47 13.32
C GLN A 82 -1.15 -24.54 14.53
N ALA A 83 -2.36 -24.40 15.04
CA ALA A 83 -2.60 -23.56 16.22
C ALA A 83 -1.98 -22.16 16.08
N ILE A 84 -2.31 -21.47 15.00
CA ILE A 84 -1.77 -20.13 14.78
C ILE A 84 -2.41 -19.14 15.75
N ASP A 85 -1.56 -18.45 16.51
CA ASP A 85 -2.04 -17.48 17.49
C ASP A 85 -2.38 -16.13 16.88
N LEU A 86 -1.73 -15.81 15.76
CA LEU A 86 -1.99 -14.54 15.09
C LEU A 86 -1.75 -14.66 13.60
N THR A 87 -2.68 -14.13 12.82
CA THR A 87 -2.57 -14.14 11.37
C THR A 87 -2.60 -12.68 10.91
N ILE A 88 -1.64 -12.31 10.06
CA ILE A 88 -1.54 -10.95 9.53
C ILE A 88 -1.75 -11.04 8.02
N VAL A 89 -2.70 -10.27 7.51
CA VAL A 89 -2.99 -10.28 6.08
C VAL A 89 -2.28 -9.15 5.34
N GLY A 90 -1.52 -9.51 4.32
CA GLY A 90 -0.79 -8.52 3.55
C GLY A 90 -1.56 -7.87 2.41
N PRO A 91 -2.03 -8.65 1.42
CA PRO A 91 -2.78 -8.16 0.26
C PRO A 91 -4.26 -7.88 0.54
N GLU A 92 -4.86 -7.01 -0.25
CA GLU A 92 -6.26 -6.66 -0.05
C GLU A 92 -7.25 -7.71 -0.58
N ALA A 93 -6.84 -8.47 -1.60
CA ALA A 93 -7.71 -9.49 -2.19
C ALA A 93 -8.39 -10.40 -1.16
N PRO A 94 -7.61 -11.05 -0.29
CA PRO A 94 -8.26 -11.92 0.71
C PRO A 94 -9.18 -11.16 1.69
N LEU A 95 -8.88 -9.90 1.97
CA LEU A 95 -9.72 -9.13 2.86
C LEU A 95 -11.06 -8.89 2.15
N ALA A 96 -10.99 -8.50 0.89
CA ALA A 96 -12.19 -8.24 0.10
C ALA A 96 -13.01 -9.53 -0.06
N SER A 97 -12.35 -10.66 0.15
CA SER A 97 -13.01 -11.96 0.03
C SER A 97 -13.56 -12.46 1.36
N GLY A 98 -13.34 -11.69 2.43
CA GLY A 98 -13.85 -12.07 3.72
C GLY A 98 -13.02 -13.02 4.55
N ILE A 99 -11.70 -13.01 4.37
CA ILE A 99 -10.85 -13.91 5.15
C ILE A 99 -11.02 -13.61 6.65
N VAL A 100 -11.12 -12.33 6.99
CA VAL A 100 -11.26 -11.97 8.39
C VAL A 100 -12.55 -12.53 8.97
N ASP A 101 -13.64 -12.36 8.25
CA ASP A 101 -14.94 -12.85 8.69
C ASP A 101 -14.87 -14.36 9.01
N ARG A 102 -14.31 -15.14 8.09
CA ARG A 102 -14.20 -16.59 8.28
C ARG A 102 -13.31 -16.97 9.47
N PHE A 103 -12.16 -16.31 9.59
CA PHE A 103 -11.26 -16.58 10.69
C PHE A 103 -11.92 -16.29 12.04
N MET A 104 -12.56 -15.14 12.18
CA MET A 104 -13.21 -14.77 13.44
C MET A 104 -14.32 -15.75 13.82
N ALA A 105 -15.02 -16.25 12.81
CA ALA A 105 -16.11 -17.20 13.06
C ALA A 105 -15.53 -18.51 13.56
N GLU A 106 -14.26 -18.76 13.27
CA GLU A 106 -13.59 -19.98 13.70
C GLU A 106 -12.79 -19.74 14.97
N GLY A 107 -12.88 -18.54 15.51
CA GLY A 107 -12.16 -18.21 16.73
C GLY A 107 -10.66 -17.97 16.53
N LEU A 108 -10.27 -17.70 15.30
CA LEU A 108 -8.86 -17.45 14.98
C LEU A 108 -8.56 -15.96 14.98
N ARG A 109 -7.54 -15.56 15.76
CA ARG A 109 -7.15 -14.17 15.84
C ARG A 109 -6.48 -13.73 14.54
N ILE A 110 -6.97 -12.64 13.97
CA ILE A 110 -6.41 -12.17 12.70
C ILE A 110 -6.44 -10.65 12.67
N PHE A 111 -5.33 -10.07 12.22
CA PHE A 111 -5.21 -8.61 12.12
C PHE A 111 -5.52 -8.18 10.70
N GLY A 112 -6.72 -7.64 10.53
CA GLY A 112 -7.16 -7.18 9.23
C GLY A 112 -8.62 -6.81 9.30
N PRO A 113 -9.11 -6.01 8.35
CA PRO A 113 -10.52 -5.60 8.37
C PRO A 113 -11.50 -6.63 7.82
N SER A 114 -12.73 -6.52 8.29
CA SER A 114 -13.81 -7.38 7.83
C SER A 114 -14.10 -6.95 6.41
N GLN A 115 -14.82 -7.79 5.68
CA GLN A 115 -15.18 -7.50 4.30
C GLN A 115 -15.90 -6.15 4.23
N ARG A 116 -16.81 -5.91 5.17
CA ARG A 116 -17.57 -4.66 5.21
C ARG A 116 -16.70 -3.42 5.39
N ALA A 117 -15.68 -3.54 6.22
CA ALA A 117 -14.77 -2.42 6.48
C ALA A 117 -13.77 -2.24 5.34
N ALA A 118 -13.39 -3.34 4.71
CA ALA A 118 -12.41 -3.32 3.63
C ALA A 118 -12.94 -2.64 2.37
N LEU A 119 -14.25 -2.40 2.33
CA LEU A 119 -14.88 -1.75 1.20
C LEU A 119 -14.30 -0.35 1.02
N ILE A 120 -13.75 0.21 2.11
CA ILE A 120 -13.17 1.54 2.06
C ILE A 120 -12.15 1.62 0.93
N GLU A 121 -11.52 0.48 0.60
CA GLU A 121 -10.55 0.44 -0.49
C GLU A 121 -11.21 -0.18 -1.73
N GLY A 122 -11.97 -1.25 -1.51
CA GLY A 122 -12.63 -1.93 -2.62
C GLY A 122 -13.47 -1.06 -3.53
N SER A 123 -14.20 -0.11 -2.97
CA SER A 123 -15.05 0.76 -3.76
C SER A 123 -14.72 2.24 -3.56
N LYS A 124 -14.11 2.85 -4.56
CA LYS A 124 -13.76 4.27 -4.45
C LYS A 124 -15.04 5.10 -4.28
N ALA A 125 -16.12 4.63 -4.90
CA ALA A 125 -17.41 5.32 -4.81
C ALA A 125 -17.91 5.32 -3.37
N PHE A 126 -17.78 4.18 -2.71
CA PHE A 126 -18.20 4.07 -1.32
C PHE A 126 -17.39 5.05 -0.48
N ALA A 127 -16.07 5.02 -0.67
CA ALA A 127 -15.18 5.91 0.07
C ALA A 127 -15.58 7.38 -0.13
N LYS A 128 -15.86 7.76 -1.37
CA LYS A 128 -16.26 9.14 -1.65
C LYS A 128 -17.57 9.44 -0.93
N GLU A 129 -18.51 8.51 -1.01
CA GLU A 129 -19.81 8.62 -0.36
C GLU A 129 -19.63 8.87 1.14
N LEU A 130 -18.79 8.06 1.77
CA LEU A 130 -18.53 8.16 3.20
C LEU A 130 -17.85 9.47 3.60
N MET A 131 -16.84 9.88 2.85
CA MET A 131 -16.13 11.12 3.15
C MET A 131 -17.04 12.34 2.96
N LYS A 132 -17.91 12.30 1.97
CA LYS A 132 -18.82 13.42 1.75
C LYS A 132 -19.79 13.52 2.93
N LYS A 133 -20.35 12.38 3.33
CA LYS A 133 -21.30 12.36 4.45
C LYS A 133 -20.69 12.80 5.78
N TYR A 134 -19.45 12.43 6.03
CA TYR A 134 -18.79 12.78 7.29
C TYR A 134 -17.85 13.97 7.23
N GLY A 135 -17.92 14.74 6.15
CA GLY A 135 -17.09 15.93 6.00
C GLY A 135 -15.58 15.74 6.01
N ILE A 136 -15.10 14.66 5.42
CA ILE A 136 -13.66 14.39 5.36
C ILE A 136 -13.13 14.99 4.06
N PRO A 137 -12.10 15.84 4.14
CA PRO A 137 -11.54 16.47 2.94
C PRO A 137 -11.01 15.50 1.88
N THR A 138 -11.46 15.68 0.65
CA THR A 138 -11.06 14.81 -0.46
C THR A 138 -11.40 15.51 -1.77
N ALA A 139 -10.90 14.97 -2.88
CA ALA A 139 -11.16 15.54 -4.19
C ALA A 139 -12.61 15.28 -4.58
N ASP A 140 -13.28 16.30 -5.11
CA ASP A 140 -14.67 16.17 -5.53
C ASP A 140 -14.73 14.99 -6.50
N HIS A 141 -15.83 14.26 -6.46
CA HIS A 141 -16.00 13.08 -7.32
C HIS A 141 -17.46 12.93 -7.75
N ALA A 142 -17.67 12.58 -9.02
CA ALA A 142 -19.02 12.40 -9.52
C ALA A 142 -19.02 11.54 -10.78
N ALA A 143 -20.04 10.68 -10.91
CA ALA A 143 -20.16 9.79 -12.05
C ALA A 143 -21.46 10.11 -12.79
N PHE A 144 -21.42 10.04 -14.11
CA PHE A 144 -22.58 10.36 -14.93
C PHE A 144 -22.76 9.40 -16.09
N THR A 145 -24.02 9.21 -16.50
CA THR A 145 -24.34 8.36 -17.64
C THR A 145 -25.01 9.27 -18.68
N SER A 146 -25.33 10.49 -18.25
CA SER A 146 -25.96 11.49 -19.10
C SER A 146 -25.01 12.64 -19.41
N TYR A 147 -24.81 12.93 -20.69
CA TYR A 147 -23.91 14.02 -21.06
C TYR A 147 -24.39 15.36 -20.53
N GLU A 148 -25.68 15.62 -20.66
CA GLU A 148 -26.24 16.89 -20.19
C GLU A 148 -25.96 17.11 -18.71
N GLU A 149 -26.07 16.05 -17.92
CA GLU A 149 -25.81 16.15 -16.49
C GLU A 149 -24.31 16.32 -16.23
N ALA A 150 -23.50 15.63 -17.03
CA ALA A 150 -22.05 15.75 -16.88
C ALA A 150 -21.62 17.17 -17.22
N LYS A 151 -22.19 17.71 -18.30
CA LYS A 151 -21.87 19.05 -18.75
C LYS A 151 -22.15 20.11 -17.68
N ALA A 152 -23.36 20.06 -17.12
CA ALA A 152 -23.74 21.02 -16.09
C ALA A 152 -22.75 20.96 -14.92
N TYR A 153 -22.37 19.73 -14.53
CA TYR A 153 -21.43 19.55 -13.42
C TYR A 153 -20.06 20.13 -13.73
N ILE A 154 -19.56 19.83 -14.91
CA ILE A 154 -18.25 20.32 -15.33
C ILE A 154 -18.23 21.85 -15.37
N GLU A 155 -19.31 22.45 -15.85
CA GLU A 155 -19.40 23.91 -15.93
C GLU A 155 -19.47 24.57 -14.55
N GLN A 156 -19.78 23.78 -13.54
CA GLN A 156 -19.87 24.28 -12.17
C GLN A 156 -18.49 24.23 -11.51
N LYS A 157 -17.83 23.09 -11.66
CA LYS A 157 -16.51 22.89 -11.07
C LYS A 157 -15.38 23.62 -11.78
N GLY A 158 -15.52 23.80 -13.09
CA GLY A 158 -14.49 24.50 -13.85
C GLY A 158 -13.30 23.61 -14.16
N ALA A 159 -12.24 24.22 -14.67
CA ALA A 159 -11.03 23.48 -15.02
C ALA A 159 -9.80 24.16 -14.42
N PRO A 160 -8.66 23.44 -14.35
CA PRO A 160 -8.43 22.06 -14.77
C PRO A 160 -9.31 21.06 -14.02
N ILE A 161 -9.70 19.98 -14.69
CA ILE A 161 -10.56 18.96 -14.09
C ILE A 161 -10.24 17.60 -14.70
N VAL A 162 -10.47 16.53 -13.94
CA VAL A 162 -10.15 15.20 -14.43
C VAL A 162 -11.36 14.44 -15.00
N ILE A 163 -11.20 13.94 -16.21
CA ILE A 163 -12.25 13.18 -16.89
C ILE A 163 -11.74 11.74 -17.06
N LYS A 164 -12.54 10.77 -16.64
CA LYS A 164 -12.12 9.38 -16.74
C LYS A 164 -13.13 8.52 -17.49
N ALA A 165 -12.67 7.93 -18.60
CA ALA A 165 -13.51 7.08 -19.42
C ALA A 165 -13.23 5.63 -19.07
N ASP A 166 -14.22 4.76 -19.33
CA ASP A 166 -14.07 3.34 -19.04
C ASP A 166 -13.94 2.56 -20.34
N GLY A 167 -13.03 1.59 -20.36
CA GLY A 167 -12.84 0.78 -21.54
C GLY A 167 -11.78 1.36 -22.48
N LYS A 172 -4.52 5.84 -20.97
CA LYS A 172 -5.52 5.78 -22.03
C LYS A 172 -6.69 6.71 -21.70
N GLY A 173 -7.46 6.34 -20.68
CA GLY A 173 -8.81 6.87 -20.63
C GLY A 173 -8.94 8.01 -19.65
N VAL A 174 -7.80 8.45 -19.10
CA VAL A 174 -7.80 9.56 -18.15
C VAL A 174 -7.20 10.81 -18.77
N THR A 175 -7.93 11.89 -18.67
CA THR A 175 -7.64 13.19 -19.25
C THR A 175 -7.61 14.25 -18.17
N VAL A 176 -6.54 15.05 -18.12
CA VAL A 176 -6.55 16.14 -17.17
C VAL A 176 -6.88 17.33 -18.05
N ALA A 177 -8.15 17.70 -18.15
CA ALA A 177 -8.58 18.79 -19.02
C ALA A 177 -8.17 20.14 -18.45
N GLN A 178 -7.44 20.91 -19.26
CA GLN A 178 -6.96 22.22 -18.84
C GLN A 178 -8.02 23.31 -18.97
N THR A 179 -8.99 23.09 -19.84
CA THR A 179 -10.07 24.06 -20.02
C THR A 179 -11.42 23.36 -19.95
N VAL A 180 -12.47 24.13 -19.68
CA VAL A 180 -13.81 23.59 -19.61
C VAL A 180 -14.22 23.03 -20.97
N GLU A 181 -13.81 23.71 -22.04
CA GLU A 181 -14.17 23.23 -23.37
C GLU A 181 -13.61 21.83 -23.63
N GLU A 182 -12.34 21.64 -23.32
CA GLU A 182 -11.70 20.34 -23.51
C GLU A 182 -12.35 19.28 -22.62
N ALA A 183 -12.70 19.65 -21.40
CA ALA A 183 -13.35 18.71 -20.48
C ALA A 183 -14.65 18.19 -21.08
N LEU A 184 -15.44 19.09 -21.69
CA LEU A 184 -16.71 18.71 -22.30
C LEU A 184 -16.48 17.78 -23.49
N ALA A 185 -15.47 18.07 -24.29
CA ALA A 185 -15.16 17.22 -25.44
C ALA A 185 -14.79 15.83 -24.95
N ALA A 186 -13.94 15.79 -23.92
CA ALA A 186 -13.50 14.50 -23.36
C ALA A 186 -14.67 13.74 -22.73
N ALA A 187 -15.51 14.45 -22.00
CA ALA A 187 -16.65 13.83 -21.34
C ALA A 187 -17.62 13.25 -22.38
N LYS A 188 -17.86 14.01 -23.44
CA LYS A 188 -18.74 13.55 -24.50
C LYS A 188 -18.17 12.29 -25.13
N ALA A 189 -16.85 12.30 -25.38
CA ALA A 189 -16.18 11.17 -25.99
C ALA A 189 -16.24 9.94 -25.10
N ALA A 190 -16.10 10.16 -23.78
CA ALA A 190 -16.13 9.07 -22.82
C ALA A 190 -17.47 8.34 -22.85
N LEU A 191 -18.56 9.11 -22.93
CA LEU A 191 -19.90 8.54 -22.96
C LEU A 191 -20.25 7.92 -24.30
N VAL A 192 -19.67 8.46 -25.37
CA VAL A 192 -19.94 7.97 -26.72
C VAL A 192 -19.07 6.78 -27.08
N ASP A 193 -17.80 6.82 -26.71
CA ASP A 193 -16.88 5.74 -27.04
C ASP A 193 -16.52 4.81 -25.87
N GLY A 194 -16.90 5.18 -24.66
CA GLY A 194 -16.60 4.36 -23.51
C GLY A 194 -17.33 3.02 -23.57
N GLN A 195 -16.98 2.12 -22.66
CA GLN A 195 -17.60 0.80 -22.62
C GLN A 195 -19.08 0.89 -22.29
N PHE A 196 -19.88 0.00 -22.87
CA PHE A 196 -21.30 -0.03 -22.62
C PHE A 196 -21.59 -1.09 -21.57
N GLY A 197 -21.69 -0.67 -20.32
CA GLY A 197 -21.97 -1.60 -19.25
C GLY A 197 -23.44 -1.94 -19.20
N THR A 198 -23.85 -2.67 -18.16
CA THR A 198 -25.25 -3.07 -18.00
C THR A 198 -26.12 -1.86 -17.66
N ALA A 199 -25.46 -0.76 -17.29
CA ALA A 199 -26.15 0.49 -16.97
C ALA A 199 -25.82 1.53 -18.04
N GLY A 200 -25.29 1.07 -19.16
CA GLY A 200 -24.92 1.96 -20.25
C GLY A 200 -23.49 2.44 -20.06
N SER A 201 -23.11 3.49 -20.77
CA SER A 201 -21.76 4.04 -20.66
C SER A 201 -21.77 5.08 -19.55
N GLN A 202 -20.62 5.26 -18.90
CA GLN A 202 -20.52 6.21 -17.80
C GLN A 202 -19.20 6.99 -17.84
N VAL A 203 -19.21 8.19 -17.26
CA VAL A 203 -18.00 8.99 -17.20
C VAL A 203 -17.78 9.48 -15.77
N VAL A 204 -16.55 9.39 -15.30
CA VAL A 204 -16.21 9.84 -13.95
C VAL A 204 -15.47 11.17 -14.03
N ILE A 205 -15.92 12.14 -13.24
CA ILE A 205 -15.31 13.46 -13.21
C ILE A 205 -14.76 13.70 -11.80
N GLU A 206 -13.49 14.09 -11.73
CA GLU A 206 -12.87 14.35 -10.43
C GLU A 206 -12.08 15.64 -10.35
N GLU A 207 -12.09 16.25 -9.17
CA GLU A 207 -11.37 17.49 -8.94
C GLU A 207 -9.89 17.21 -9.11
N TYR A 208 -9.19 18.08 -9.83
CA TYR A 208 -7.75 17.90 -10.01
C TYR A 208 -7.07 18.56 -8.82
N LEU A 209 -6.24 17.81 -8.11
CA LEU A 209 -5.55 18.37 -6.96
C LEU A 209 -4.08 18.51 -7.25
N GLU A 210 -3.47 19.52 -6.63
CA GLU A 210 -2.05 19.78 -6.82
C GLU A 210 -1.36 19.88 -5.46
N GLY A 211 -0.10 19.50 -5.42
CA GLY A 211 0.64 19.55 -4.18
C GLY A 211 1.58 18.37 -4.06
N GLU A 212 1.95 18.03 -2.83
CA GLU A 212 2.87 16.94 -2.58
C GLU A 212 2.08 15.73 -2.09
N GLU A 213 2.29 14.58 -2.73
CA GLU A 213 1.59 13.38 -2.31
C GLU A 213 2.36 12.67 -1.20
N PHE A 214 1.63 12.04 -0.28
CA PHE A 214 2.27 11.29 0.79
C PHE A 214 1.34 10.21 1.29
N SER A 215 1.94 9.15 1.84
CA SER A 215 1.19 8.01 2.34
C SER A 215 1.19 8.06 3.86
N PHE A 216 0.00 8.04 4.44
CA PHE A 216 -0.13 8.07 5.89
C PHE A 216 -0.87 6.82 6.33
N MET A 217 -0.14 5.88 6.89
CA MET A 217 -0.73 4.63 7.39
C MET A 217 -0.86 4.72 8.90
N ALA A 218 -1.76 3.92 9.45
CA ALA A 218 -1.96 3.87 10.89
C ALA A 218 -2.64 2.56 11.26
N PHE A 219 -2.34 2.05 12.45
CA PHE A 219 -3.02 0.84 12.91
C PHE A 219 -4.34 1.39 13.42
N VAL A 220 -5.41 0.64 13.21
CA VAL A 220 -6.73 1.09 13.64
C VAL A 220 -7.52 -0.08 14.22
N ASN A 221 -8.37 0.23 15.20
CA ASN A 221 -9.27 -0.75 15.81
C ASN A 221 -10.47 0.08 16.26
N GLY A 222 -11.52 0.08 15.46
CA GLY A 222 -12.68 0.87 15.81
C GLY A 222 -12.31 2.34 15.69
N GLU A 223 -12.55 3.10 16.74
CA GLU A 223 -12.23 4.53 16.72
C GLU A 223 -10.80 4.83 17.12
N LYS A 224 -10.09 3.83 17.64
CA LYS A 224 -8.71 4.01 18.07
C LYS A 224 -7.71 3.98 16.90
N VAL A 225 -6.96 5.07 16.75
CA VAL A 225 -5.98 5.18 15.68
C VAL A 225 -4.57 5.36 16.22
N TYR A 226 -3.64 4.56 15.71
CA TYR A 226 -2.23 4.59 16.09
C TYR A 226 -1.43 4.90 14.81
N PRO A 227 -1.08 6.18 14.61
CA PRO A 227 -0.33 6.60 13.43
C PRO A 227 1.07 6.02 13.25
N LEU A 228 1.41 5.73 12.00
CA LEU A 228 2.73 5.21 11.67
C LEU A 228 3.47 6.37 11.00
N ALA A 229 4.78 6.23 10.81
CA ALA A 229 5.54 7.29 10.17
C ALA A 229 5.00 7.47 8.75
N ILE A 230 5.13 8.69 8.27
CA ILE A 230 4.57 8.92 6.94
C ILE A 230 5.65 8.60 5.90
N ALA A 231 5.31 8.28 4.68
CA ALA A 231 6.26 7.90 3.64
C ALA A 231 5.79 8.52 2.34
N GLN A 232 6.68 8.62 1.36
CA GLN A 232 6.31 9.16 0.06
C GLN A 232 6.71 8.13 -1.00
N ASP A 233 5.73 7.73 -1.79
CA ASP A 233 5.96 6.74 -2.83
C ASP A 233 5.90 7.41 -4.21
N HIS A 234 6.67 6.88 -5.15
CA HIS A 234 6.69 7.39 -6.52
C HIS A 234 5.96 6.32 -7.32
N LYS A 235 4.73 6.60 -7.74
CA LYS A 235 3.96 5.61 -8.49
C LYS A 235 4.22 5.58 -9.99
N ARG A 236 4.74 6.67 -10.54
CA ARG A 236 5.04 6.73 -11.97
C ARG A 236 6.14 5.71 -12.29
N ALA A 237 5.98 5.03 -13.42
CA ALA A 237 6.92 4.00 -13.85
C ALA A 237 8.33 4.46 -14.20
N TYR A 238 8.48 5.69 -14.70
CA TYR A 238 9.80 6.14 -15.10
C TYR A 238 10.30 7.43 -14.43
N ASP A 239 11.59 7.67 -14.55
CA ASP A 239 12.24 8.83 -13.97
C ASP A 239 11.54 10.12 -14.42
N GLY A 240 11.53 11.12 -13.56
CA GLY A 240 10.87 12.37 -13.89
C GLY A 240 9.38 12.13 -13.90
N ASP A 241 8.94 11.17 -13.09
CA ASP A 241 7.55 10.78 -12.98
C ASP A 241 6.82 10.74 -14.32
N GLU A 242 7.33 9.93 -15.23
CA GLU A 242 6.74 9.77 -16.55
C GLU A 242 6.20 8.35 -16.67
N GLY A 243 5.48 8.09 -17.76
CA GLY A 243 4.93 6.75 -17.98
C GLY A 243 3.66 6.48 -17.22
N PRO A 244 3.14 5.24 -17.30
CA PRO A 244 1.91 4.84 -16.61
C PRO A 244 2.09 4.70 -15.10
N ASN A 245 0.98 4.71 -14.37
CA ASN A 245 1.05 4.57 -12.93
C ASN A 245 1.31 3.11 -12.56
N THR A 246 1.96 2.91 -11.42
CA THR A 246 2.28 1.56 -10.96
C THR A 246 1.87 1.40 -9.52
N GLY A 247 2.18 0.23 -8.95
CA GLY A 247 1.85 -0.01 -7.55
C GLY A 247 2.85 0.70 -6.65
N GLY A 248 3.91 1.24 -7.25
CA GLY A 248 4.94 1.94 -6.50
C GLY A 248 6.33 1.52 -6.94
N MET A 249 7.12 2.48 -7.41
CA MET A 249 8.47 2.18 -7.89
C MET A 249 9.59 2.53 -6.91
N GLY A 250 9.22 3.13 -5.79
CA GLY A 250 10.22 3.49 -4.81
C GLY A 250 9.56 4.30 -3.71
N ALA A 251 10.22 4.41 -2.57
CA ALA A 251 9.63 5.16 -1.47
C ALA A 251 10.66 5.45 -0.41
N TYR A 252 10.33 6.37 0.48
CA TYR A 252 11.22 6.71 1.57
C TYR A 252 10.42 7.29 2.73
N SER A 253 11.06 7.28 3.89
CA SER A 253 10.46 7.78 5.12
C SER A 253 11.63 8.20 6.03
N PRO A 254 11.50 9.34 6.73
CA PRO A 254 10.36 10.27 6.75
C PRO A 254 10.29 11.14 5.50
N VAL A 255 9.37 12.10 5.50
CA VAL A 255 9.18 12.98 4.35
C VAL A 255 9.32 14.42 4.83
N PRO A 256 10.54 14.97 4.75
CA PRO A 256 10.89 16.33 5.14
C PRO A 256 9.99 17.46 4.64
N GLN A 257 9.60 17.39 3.36
CA GLN A 257 8.77 18.43 2.77
C GLN A 257 7.32 18.48 3.24
N ILE A 258 6.91 17.51 4.05
CA ILE A 258 5.55 17.48 4.57
C ILE A 258 5.65 18.03 5.99
N SER A 259 5.07 19.22 6.23
CA SER A 259 5.15 19.82 7.55
C SER A 259 4.44 18.98 8.62
N ASP A 260 4.81 19.21 9.88
CA ASP A 260 4.20 18.51 10.99
C ASP A 260 2.74 18.93 11.07
N GLU A 261 2.47 20.18 10.68
CA GLU A 261 1.10 20.71 10.70
C GLU A 261 0.23 19.97 9.68
N MET A 262 0.80 19.70 8.51
CA MET A 262 0.07 18.98 7.45
C MET A 262 -0.21 17.57 7.98
N MET A 263 0.81 16.98 8.60
CA MET A 263 0.68 15.63 9.15
C MET A 263 -0.40 15.55 10.21
N ASP A 264 -0.37 16.48 11.17
CA ASP A 264 -1.37 16.49 12.23
C ASP A 264 -2.77 16.75 11.70
N ALA A 265 -2.90 17.62 10.70
CA ALA A 265 -4.22 17.89 10.13
C ALA A 265 -4.75 16.61 9.49
N ALA A 266 -3.86 15.85 8.87
CA ALA A 266 -4.24 14.59 8.23
C ALA A 266 -4.74 13.61 9.29
N LEU A 267 -4.04 13.54 10.41
CA LEU A 267 -4.41 12.63 11.49
C LEU A 267 -5.76 13.00 12.13
N GLU A 268 -5.93 14.28 12.45
CA GLU A 268 -7.16 14.74 13.10
C GLU A 268 -8.35 15.03 12.18
N ALA A 269 -8.10 15.42 10.93
CA ALA A 269 -9.21 15.70 10.03
C ALA A 269 -9.52 14.58 9.03
N ILE A 270 -8.62 13.61 8.91
CA ILE A 270 -8.83 12.52 7.96
C ILE A 270 -8.87 11.12 8.59
N LEU A 271 -7.75 10.68 9.15
CA LEU A 271 -7.68 9.35 9.74
C LEU A 271 -8.63 9.08 10.90
N ARG A 272 -8.61 9.93 11.93
CA ARG A 272 -9.50 9.71 13.06
C ARG A 272 -10.96 9.78 12.63
N PRO A 273 -11.33 10.77 11.81
CA PRO A 273 -12.73 10.86 11.37
C PRO A 273 -13.16 9.66 10.51
N ALA A 274 -12.25 9.15 9.67
CA ALA A 274 -12.59 8.01 8.83
C ALA A 274 -12.82 6.76 9.67
N ALA A 275 -11.99 6.57 10.70
CA ALA A 275 -12.14 5.42 11.57
C ALA A 275 -13.48 5.51 12.30
N LYS A 276 -13.83 6.70 12.75
CA LYS A 276 -15.09 6.89 13.45
C LYS A 276 -16.28 6.75 12.51
N ALA A 277 -16.11 7.21 11.27
CA ALA A 277 -17.18 7.11 10.27
C ALA A 277 -17.50 5.65 9.99
N LEU A 278 -16.47 4.85 9.79
CA LEU A 278 -16.65 3.42 9.51
C LEU A 278 -17.34 2.73 10.69
N ALA A 279 -16.91 3.07 11.90
CA ALA A 279 -17.50 2.46 13.09
C ALA A 279 -18.96 2.89 13.21
N ALA A 280 -19.23 4.16 12.92
CA ALA A 280 -20.59 4.70 12.99
C ALA A 280 -21.50 4.06 11.96
N GLU A 281 -20.92 3.61 10.85
CA GLU A 281 -21.68 2.97 9.78
C GLU A 281 -21.83 1.45 9.97
N GLY A 282 -21.43 0.95 11.13
CA GLY A 282 -21.53 -0.49 11.38
C GLY A 282 -20.46 -1.28 10.66
N ARG A 283 -19.36 -0.62 10.32
CA ARG A 283 -18.24 -1.26 9.63
C ARG A 283 -16.94 -0.98 10.38
N PRO A 284 -16.90 -1.23 11.70
CA PRO A 284 -15.65 -0.96 12.43
C PRO A 284 -14.45 -1.60 11.74
N PHE A 285 -13.39 -0.82 11.61
CA PHE A 285 -12.16 -1.24 10.95
C PHE A 285 -11.08 -1.68 11.92
N LEU A 286 -10.43 -2.79 11.59
CA LEU A 286 -9.32 -3.33 12.36
C LEU A 286 -8.21 -3.63 11.36
N GLY A 287 -6.98 -3.21 11.67
CA GLY A 287 -5.88 -3.47 10.76
C GLY A 287 -5.10 -2.22 10.44
N VAL A 288 -4.58 -2.15 9.22
CA VAL A 288 -3.83 -1.00 8.78
C VAL A 288 -4.68 -0.19 7.81
N LEU A 289 -4.92 1.07 8.16
CA LEU A 289 -5.69 1.95 7.29
C LEU A 289 -4.63 2.83 6.62
N TYR A 290 -4.53 2.68 5.31
CA TYR A 290 -3.54 3.43 4.53
C TYR A 290 -4.24 4.55 3.75
N ALA A 291 -3.86 5.79 4.07
CA ALA A 291 -4.43 6.94 3.39
C ALA A 291 -3.44 7.48 2.36
N GLY A 292 -3.87 7.54 1.11
CA GLY A 292 -3.05 8.10 0.05
C GLY A 292 -3.51 9.54 0.02
N LEU A 293 -2.63 10.46 0.41
CA LEU A 293 -2.98 11.88 0.51
C LEU A 293 -2.22 12.86 -0.37
N MET A 294 -2.78 14.05 -0.48
CA MET A 294 -2.17 15.12 -1.24
C MET A 294 -2.10 16.32 -0.31
N ALA A 295 -0.89 16.86 -0.12
CA ALA A 295 -0.72 18.04 0.72
C ALA A 295 -0.96 19.24 -0.19
N THR A 296 -2.13 19.84 -0.08
CA THR A 296 -2.46 20.99 -0.90
C THR A 296 -2.33 22.27 -0.08
N ALA A 297 -2.46 23.42 -0.73
CA ALA A 297 -2.37 24.71 -0.05
C ALA A 297 -3.54 24.89 0.91
N ASN A 298 -4.61 24.13 0.68
CA ASN A 298 -5.80 24.21 1.51
C ASN A 298 -5.82 23.13 2.58
N GLY A 299 -4.71 22.41 2.71
CA GLY A 299 -4.62 21.35 3.69
C GLY A 299 -4.56 19.97 3.04
N PRO A 300 -4.50 18.90 3.84
CA PRO A 300 -4.44 17.54 3.30
C PRO A 300 -5.79 17.05 2.78
N LYS A 301 -5.75 16.33 1.66
CA LYS A 301 -6.96 15.80 1.05
C LYS A 301 -6.73 14.36 0.61
N VAL A 302 -7.72 13.51 0.83
CA VAL A 302 -7.60 12.09 0.47
C VAL A 302 -7.71 11.84 -1.02
N ILE A 303 -6.78 11.06 -1.55
CA ILE A 303 -6.77 10.67 -2.96
C ILE A 303 -7.50 9.34 -2.99
N GLU A 304 -7.08 8.44 -2.10
CA GLU A 304 -7.71 7.13 -1.98
C GLU A 304 -7.33 6.50 -0.64
N PHE A 305 -8.09 5.48 -0.27
CA PHE A 305 -7.86 4.74 0.96
C PHE A 305 -7.49 3.31 0.57
N ASN A 306 -6.65 2.69 1.38
CA ASN A 306 -6.25 1.30 1.19
C ASN A 306 -6.50 0.66 2.55
N ALA A 307 -6.91 -0.59 2.57
CA ALA A 307 -7.23 -1.28 3.83
C ALA A 307 -6.13 -2.20 4.33
N ARG A 308 -4.88 -1.86 4.05
CA ARG A 308 -3.75 -2.67 4.50
C ARG A 308 -2.43 -1.97 4.21
N PHE A 309 -1.32 -2.59 4.61
CA PHE A 309 0.00 -2.02 4.38
C PHE A 309 0.23 -1.73 2.90
N GLY A 310 0.83 -0.59 2.62
CA GLY A 310 1.12 -0.25 1.24
C GLY A 310 2.41 -0.94 0.86
N ASP A 311 2.60 -1.16 -0.43
CA ASP A 311 3.81 -1.77 -0.97
C ASP A 311 4.21 -0.80 -2.07
N PRO A 312 5.44 -0.27 -2.04
CA PRO A 312 6.56 -0.44 -1.12
C PRO A 312 6.60 0.32 0.22
N GLU A 313 5.51 0.95 0.63
CA GLU A 313 5.53 1.69 1.88
C GLU A 313 5.94 0.84 3.10
N ALA A 314 5.46 -0.39 3.17
CA ALA A 314 5.82 -1.25 4.29
C ALA A 314 7.33 -1.49 4.35
N GLN A 315 7.95 -1.69 3.19
CA GLN A 315 9.38 -1.96 3.13
C GLN A 315 10.27 -0.82 3.64
N VAL A 316 9.77 0.41 3.63
CA VAL A 316 10.60 1.52 4.11
C VAL A 316 10.16 2.06 5.46
N VAL A 317 8.94 1.74 5.87
CA VAL A 317 8.43 2.22 7.15
C VAL A 317 8.68 1.23 8.28
N LEU A 318 8.47 -0.06 8.03
CA LEU A 318 8.69 -1.05 9.07
C LEU A 318 10.13 -1.10 9.57
N PRO A 319 11.11 -0.87 8.69
CA PRO A 319 12.50 -0.90 9.19
C PRO A 319 12.78 0.25 10.17
N ARG A 320 11.95 1.28 10.15
CA ARG A 320 12.13 2.42 11.04
C ARG A 320 11.44 2.23 12.37
N LEU A 321 10.53 1.25 12.44
CA LEU A 321 9.80 0.98 13.67
C LEU A 321 10.67 0.27 14.70
N LYS A 322 10.88 0.92 15.84
CA LYS A 322 11.68 0.36 16.92
C LYS A 322 10.81 -0.56 17.78
N THR A 323 9.55 -0.18 17.95
CA THR A 323 8.61 -0.97 18.74
C THR A 323 8.47 -2.36 18.09
N ASP A 324 8.34 -3.40 18.92
CA ASP A 324 8.17 -4.75 18.36
C ASP A 324 6.84 -4.80 17.59
N LEU A 325 6.91 -5.17 16.31
CA LEU A 325 5.71 -5.23 15.46
C LEU A 325 4.61 -6.12 16.00
N VAL A 326 4.95 -7.35 16.38
CA VAL A 326 3.95 -8.28 16.90
C VAL A 326 3.32 -7.70 18.16
N GLU A 327 4.15 -7.19 19.07
CA GLU A 327 3.63 -6.60 20.30
C GLU A 327 2.65 -5.47 19.98
N ALA A 328 3.03 -4.61 19.02
CA ALA A 328 2.18 -3.49 18.62
C ALA A 328 0.82 -3.96 18.12
N VAL A 329 0.84 -4.94 17.21
CA VAL A 329 -0.37 -5.50 16.63
C VAL A 329 -1.30 -6.08 17.71
N LEU A 330 -0.72 -6.79 18.66
CA LEU A 330 -1.53 -7.37 19.72
C LEU A 330 -2.11 -6.26 20.59
N ALA A 331 -1.32 -5.23 20.86
CA ALA A 331 -1.78 -4.10 21.67
C ALA A 331 -2.96 -3.44 20.98
N VAL A 332 -2.85 -3.24 19.66
CA VAL A 332 -3.92 -2.62 18.89
C VAL A 332 -5.19 -3.48 18.95
N MET A 333 -5.04 -4.77 18.73
CA MET A 333 -6.17 -5.68 18.75
C MET A 333 -6.87 -5.72 20.11
N ASP A 334 -6.12 -5.50 21.18
CA ASP A 334 -6.70 -5.49 22.52
C ASP A 334 -7.19 -4.10 22.91
N GLY A 335 -6.99 -3.13 22.02
CA GLY A 335 -7.43 -1.77 22.28
C GLY A 335 -6.64 -1.11 23.40
N LYS A 336 -5.40 -1.56 23.60
CA LYS A 336 -4.55 -1.01 24.65
C LYS A 336 -3.81 0.25 24.20
N GLU A 337 -3.43 1.08 25.17
CA GLU A 337 -2.70 2.30 24.87
C GLU A 337 -1.29 1.94 24.42
N LEU A 338 -0.77 2.69 23.47
CA LEU A 338 0.55 2.43 22.95
C LEU A 338 1.09 3.56 22.09
N GLU A 339 2.32 3.96 22.37
CA GLU A 339 2.98 4.99 21.60
C GLU A 339 4.07 4.24 20.83
N LEU A 340 4.04 4.33 19.51
CA LEU A 340 5.04 3.66 18.69
C LEU A 340 6.31 4.50 18.67
N GLU A 341 7.46 3.84 18.72
CA GLU A 341 8.75 4.54 18.70
C GLU A 341 9.46 4.27 17.38
N TRP A 342 10.10 5.31 16.84
CA TRP A 342 10.79 5.25 15.56
C TRP A 342 12.23 5.72 15.63
N THR A 343 13.08 5.15 14.78
CA THR A 343 14.49 5.54 14.73
C THR A 343 14.56 6.90 14.05
N ASP A 344 15.64 7.64 14.30
CA ASP A 344 15.82 8.95 13.67
C ASP A 344 16.26 8.76 12.23
N GLU A 345 16.97 7.67 11.98
CA GLU A 345 17.47 7.37 10.65
C GLU A 345 16.37 7.26 9.60
N ALA A 346 16.71 7.63 8.37
CA ALA A 346 15.76 7.55 7.27
C ALA A 346 15.98 6.26 6.50
N VAL A 347 14.99 5.89 5.72
CA VAL A 347 15.05 4.68 4.92
C VAL A 347 14.49 4.99 3.53
N LEU A 348 15.21 4.57 2.50
CA LEU A 348 14.78 4.78 1.13
C LEU A 348 14.90 3.45 0.41
N GLY A 349 13.87 3.11 -0.36
CA GLY A 349 13.88 1.86 -1.10
C GLY A 349 13.61 2.07 -2.57
N VAL A 350 14.23 1.24 -3.38
CA VAL A 350 14.09 1.31 -4.83
C VAL A 350 13.61 -0.04 -5.37
N VAL A 351 12.57 0.00 -6.18
CA VAL A 351 11.99 -1.20 -6.76
C VAL A 351 12.69 -1.59 -8.06
N LEU A 352 13.01 -2.87 -8.18
CA LEU A 352 13.60 -3.37 -9.44
C LEU A 352 12.44 -4.12 -10.07
N ALA A 353 12.05 -3.70 -11.27
CA ALA A 353 10.91 -4.34 -11.93
C ALA A 353 11.29 -4.95 -13.28
N ALA A 354 10.48 -5.90 -13.73
CA ALA A 354 10.72 -6.56 -15.01
C ALA A 354 10.45 -5.59 -16.15
N LYS A 355 11.33 -5.56 -17.15
CA LYS A 355 11.15 -4.67 -18.29
C LYS A 355 9.75 -4.83 -18.88
N GLY A 356 9.06 -3.71 -19.08
CA GLY A 356 7.71 -3.76 -19.62
C GLY A 356 6.66 -3.41 -18.58
N TYR A 357 6.94 -3.78 -17.33
CA TYR A 357 6.02 -3.48 -16.22
C TYR A 357 5.80 -1.97 -16.22
N PRO A 358 4.59 -1.51 -15.86
CA PRO A 358 3.38 -2.24 -15.45
C PRO A 358 2.58 -2.87 -16.59
N GLY A 359 3.16 -2.86 -17.78
CA GLY A 359 2.48 -3.46 -18.92
C GLY A 359 2.93 -4.91 -19.01
N ALA A 360 2.92 -5.46 -20.22
CA ALA A 360 3.36 -6.83 -20.42
C ALA A 360 4.85 -6.90 -20.12
N TYR A 361 5.26 -7.92 -19.37
CA TYR A 361 6.67 -8.07 -19.01
C TYR A 361 7.11 -9.52 -19.16
N GLU A 362 8.41 -9.71 -19.33
CA GLU A 362 8.95 -11.06 -19.49
C GLU A 362 9.46 -11.59 -18.16
N ARG A 363 9.42 -12.91 -18.01
CA ARG A 363 9.87 -13.57 -16.80
C ARG A 363 11.02 -14.51 -17.20
N GLY A 364 11.76 -14.99 -16.21
CA GLY A 364 12.85 -15.92 -16.51
C GLY A 364 14.24 -15.40 -16.78
N ALA A 365 14.47 -14.10 -16.58
CA ALA A 365 15.81 -13.55 -16.80
C ALA A 365 16.62 -13.85 -15.54
N GLU A 366 17.88 -14.26 -15.70
CA GLU A 366 18.69 -14.59 -14.52
C GLU A 366 19.16 -13.34 -13.78
N ILE A 367 19.09 -13.41 -12.45
CA ILE A 367 19.51 -12.30 -11.61
C ILE A 367 20.83 -12.66 -10.93
N ARG A 368 21.88 -11.90 -11.22
CA ARG A 368 23.16 -12.16 -10.60
C ARG A 368 23.50 -11.04 -9.62
N GLY A 369 24.33 -11.35 -8.62
CA GLY A 369 24.76 -10.36 -7.66
C GLY A 369 24.01 -10.21 -6.36
N LEU A 370 22.97 -11.02 -6.12
CA LEU A 370 22.25 -10.85 -4.87
C LEU A 370 23.15 -11.15 -3.68
N ASP A 371 24.20 -11.94 -3.92
CA ASP A 371 25.14 -12.30 -2.87
C ASP A 371 26.23 -11.23 -2.67
N ARG A 372 26.21 -10.19 -3.51
CA ARG A 372 27.21 -9.13 -3.43
C ARG A 372 26.75 -7.96 -2.57
N ILE A 373 25.46 -7.92 -2.28
CA ILE A 373 24.86 -6.85 -1.49
C ILE A 373 25.28 -6.91 -0.03
N SER A 374 25.47 -5.73 0.57
CA SER A 374 25.87 -5.65 1.97
C SER A 374 24.83 -6.30 2.89
N PRO A 375 25.27 -6.83 4.03
CA PRO A 375 24.37 -7.47 5.00
C PRO A 375 23.46 -6.45 5.67
N ASP A 376 23.87 -5.19 5.63
CA ASP A 376 23.09 -4.10 6.23
C ASP A 376 22.01 -3.60 5.28
N ALA A 377 22.10 -3.99 4.01
CA ALA A 377 21.11 -3.57 3.03
C ALA A 377 19.87 -4.43 3.19
N LEU A 378 18.70 -3.82 3.04
CA LEU A 378 17.45 -4.55 3.17
C LEU A 378 16.97 -4.94 1.78
N LEU A 379 17.02 -6.24 1.48
CA LEU A 379 16.59 -6.75 0.18
C LEU A 379 15.31 -7.55 0.33
N PHE A 380 14.20 -6.96 -0.09
CA PHE A 380 12.91 -7.62 0.02
C PHE A 380 12.47 -8.20 -1.33
N HIS A 381 12.25 -9.51 -1.36
CA HIS A 381 11.84 -10.22 -2.58
C HIS A 381 10.34 -10.10 -2.81
N ALA A 382 10.01 -9.71 -4.02
CA ALA A 382 8.65 -9.86 -4.55
C ALA A 382 8.47 -11.13 -5.36
N GLY A 383 8.94 -10.86 -6.59
CA GLY A 383 8.62 -11.76 -7.69
C GLY A 383 9.84 -12.47 -8.23
N THR A 384 10.53 -13.22 -7.37
CA THR A 384 11.73 -13.96 -7.73
C THR A 384 11.46 -15.47 -7.65
N LYS A 385 12.28 -16.23 -8.35
CA LYS A 385 12.17 -17.69 -8.31
C LYS A 385 13.57 -18.28 -8.25
N ARG A 386 13.71 -19.35 -7.46
CA ARG A 386 14.99 -20.04 -7.28
C ARG A 386 14.95 -21.37 -8.02
N GLU A 387 15.95 -21.62 -8.85
CA GLU A 387 16.00 -22.86 -9.60
C GLU A 387 17.42 -23.20 -10.03
N GLY A 388 17.84 -24.42 -9.76
CA GLY A 388 19.19 -24.84 -10.14
C GLY A 388 20.27 -24.00 -9.47
N GLY A 389 19.99 -23.51 -8.26
CA GLY A 389 20.96 -22.70 -7.56
C GLY A 389 21.12 -21.27 -8.05
N ALA A 390 20.19 -20.80 -8.88
CA ALA A 390 20.25 -19.44 -9.40
C ALA A 390 18.91 -18.72 -9.21
N TRP A 391 18.92 -17.40 -9.31
CA TRP A 391 17.72 -16.57 -9.18
C TRP A 391 17.24 -16.10 -10.55
N TYR A 392 15.92 -16.05 -10.72
CA TYR A 392 15.32 -15.62 -11.98
C TYR A 392 14.13 -14.72 -11.71
N THR A 393 13.88 -13.77 -12.61
CA THR A 393 12.76 -12.86 -12.46
C THR A 393 11.49 -13.66 -12.66
N ASN A 394 10.46 -13.35 -11.86
CA ASN A 394 9.20 -14.06 -11.94
C ASN A 394 8.02 -13.22 -11.45
N GLY A 395 7.86 -12.02 -12.02
CA GLY A 395 6.78 -11.14 -11.63
C GLY A 395 7.01 -9.72 -12.11
N GLY A 396 6.02 -8.86 -11.93
CA GLY A 396 6.15 -7.47 -12.36
C GLY A 396 7.20 -6.77 -11.52
N ARG A 397 6.93 -6.65 -10.23
CA ARG A 397 7.89 -6.04 -9.32
C ARG A 397 8.64 -7.25 -8.77
N VAL A 398 9.95 -7.24 -8.95
CA VAL A 398 10.78 -8.36 -8.55
C VAL A 398 11.44 -8.26 -7.19
N LEU A 399 12.07 -7.12 -6.93
CA LEU A 399 12.77 -6.91 -5.67
C LEU A 399 12.71 -5.45 -5.28
N LEU A 400 13.06 -5.18 -4.02
CA LEU A 400 13.14 -3.83 -3.54
C LEU A 400 14.33 -3.80 -2.62
N LEU A 401 15.22 -2.83 -2.84
CA LEU A 401 16.39 -2.71 -2.01
C LEU A 401 16.29 -1.39 -1.26
N ALA A 402 16.32 -1.46 0.06
CA ALA A 402 16.24 -0.26 0.89
C ALA A 402 17.53 -0.16 1.71
N ALA A 403 17.86 1.06 2.11
CA ALA A 403 19.04 1.30 2.93
C ALA A 403 18.68 2.32 4.00
N LYS A 404 19.32 2.20 5.16
CA LYS A 404 19.09 3.14 6.27
C LYS A 404 20.15 4.21 6.17
N GLY A 405 19.86 5.41 6.66
CA GLY A 405 20.83 6.47 6.60
C GLY A 405 20.57 7.53 7.66
N GLU A 406 21.63 8.20 8.08
CA GLU A 406 21.53 9.25 9.08
C GLU A 406 20.59 10.33 8.57
N THR A 407 20.58 10.52 7.26
CA THR A 407 19.71 11.49 6.59
C THR A 407 19.19 10.83 5.32
N LEU A 408 18.19 11.45 4.70
CA LEU A 408 17.61 10.90 3.47
C LEU A 408 18.67 10.82 2.38
N ALA A 409 19.50 11.86 2.29
CA ALA A 409 20.56 11.90 1.28
C ALA A 409 21.47 10.69 1.44
N LYS A 410 21.84 10.38 2.68
CA LYS A 410 22.72 9.25 2.96
C LYS A 410 22.03 7.93 2.62
N ALA A 411 20.73 7.84 2.94
CA ALA A 411 19.97 6.62 2.66
C ALA A 411 19.94 6.42 1.15
N LYS A 412 19.68 7.49 0.42
CA LYS A 412 19.63 7.44 -1.05
C LYS A 412 20.93 6.96 -1.67
N GLU A 413 22.05 7.52 -1.21
CA GLU A 413 23.36 7.13 -1.74
C GLU A 413 23.66 5.66 -1.50
N LYS A 414 23.43 5.19 -0.28
CA LYS A 414 23.69 3.81 0.07
C LYS A 414 22.82 2.86 -0.74
N ALA A 415 21.55 3.19 -0.90
CA ALA A 415 20.63 2.36 -1.66
C ALA A 415 21.11 2.20 -3.11
N TYR A 416 21.33 3.32 -3.79
CA TYR A 416 21.76 3.27 -5.18
C TYR A 416 23.13 2.65 -5.37
N GLU A 417 23.98 2.80 -4.36
CA GLU A 417 25.32 2.24 -4.37
C GLU A 417 25.22 0.72 -4.40
N GLN A 418 24.37 0.17 -3.53
CA GLN A 418 24.18 -1.27 -3.45
C GLN A 418 23.45 -1.83 -4.67
N LEU A 419 22.52 -1.05 -5.22
CA LEU A 419 21.76 -1.49 -6.40
C LEU A 419 22.65 -1.82 -7.59
N ALA A 420 23.79 -1.15 -7.69
CA ALA A 420 24.71 -1.36 -8.79
C ALA A 420 25.31 -2.76 -8.77
N ALA A 421 25.27 -3.41 -7.61
CA ALA A 421 25.81 -4.75 -7.48
C ALA A 421 24.94 -5.77 -8.18
N ILE A 422 23.69 -5.40 -8.46
CA ILE A 422 22.76 -6.32 -9.12
C ILE A 422 22.85 -6.22 -10.63
N ASP A 423 22.92 -7.37 -11.29
CA ASP A 423 23.00 -7.42 -12.73
C ASP A 423 21.94 -8.33 -13.33
N CYS A 424 21.04 -7.75 -14.12
CA CYS A 424 19.99 -8.50 -14.77
C CYS A 424 19.44 -7.70 -15.95
N ASP A 425 19.58 -8.27 -17.16
CA ASP A 425 19.11 -7.61 -18.37
C ASP A 425 17.59 -7.58 -18.49
N GLY A 426 16.91 -8.22 -17.55
CA GLY A 426 15.46 -8.24 -17.58
C GLY A 426 14.83 -7.34 -16.53
N LEU A 427 15.65 -6.50 -15.90
CA LEU A 427 15.16 -5.58 -14.85
C LEU A 427 15.51 -4.12 -15.10
N PHE A 428 14.73 -3.22 -14.52
CA PHE A 428 14.97 -1.79 -14.62
C PHE A 428 14.53 -1.12 -13.32
N TYR A 429 15.02 0.08 -13.05
CA TYR A 429 14.65 0.79 -11.84
C TYR A 429 14.90 2.29 -11.95
N ARG A 430 14.02 3.10 -11.37
CA ARG A 430 14.15 4.54 -11.41
C ARG A 430 15.39 4.97 -10.65
N ARG A 431 16.10 5.95 -11.19
CA ARG A 431 17.32 6.45 -10.55
C ARG A 431 17.06 7.77 -9.83
N ASP A 432 15.81 8.22 -9.85
CA ASP A 432 15.47 9.49 -9.22
C ASP A 432 14.65 9.38 -7.94
N ILE A 433 14.67 8.22 -7.28
CA ILE A 433 13.91 8.07 -6.06
C ILE A 433 14.55 8.96 -5.00
N GLY A 434 13.75 9.83 -4.40
CA GLY A 434 14.25 10.74 -3.37
C GLY A 434 14.91 11.99 -3.90
N ARG A 435 15.05 12.09 -5.22
CA ARG A 435 15.70 13.25 -5.83
C ARG A 435 15.20 14.58 -5.30
N ARG A 436 13.94 14.90 -5.59
CA ARG A 436 13.36 16.16 -5.14
C ARG A 436 13.47 16.34 -3.63
N ALA A 437 13.06 15.32 -2.88
CA ALA A 437 13.13 15.38 -1.42
C ALA A 437 14.48 15.94 -0.97
N ILE A 438 15.56 15.46 -1.59
CA ILE A 438 16.91 15.92 -1.27
C ILE A 438 17.27 17.05 -2.24
P PO4 B . 3.24 -8.04 -9.70
O1 PO4 B . 4.34 -7.12 -9.34
O2 PO4 B . 2.55 -7.53 -10.93
O3 PO4 B . 3.78 -9.40 -9.97
O4 PO4 B . 2.26 -8.11 -8.58
P PO4 C . -0.38 -3.97 -3.98
O1 PO4 C . 0.75 -3.02 -3.82
O2 PO4 C . -1.25 -3.52 -5.11
O3 PO4 C . 0.16 -5.33 -4.29
O4 PO4 C . -1.17 -4.03 -2.73
P AMP D . -5.43 5.91 -9.38
O1P AMP D . -5.06 4.49 -9.16
O2P AMP D . -6.96 6.14 -8.96
O3P AMP D . -5.24 6.29 -10.94
O5' AMP D . -4.49 6.87 -8.47
C5' AMP D . -3.13 6.72 -8.91
C4' AMP D . -2.47 8.09 -9.09
O4' AMP D . -3.32 9.00 -9.87
C3' AMP D . -2.24 8.79 -7.73
O3' AMP D . -0.98 8.39 -7.15
C2' AMP D . -2.29 10.28 -8.08
O2' AMP D . -0.98 10.81 -8.30
C1' AMP D . -3.17 10.37 -9.35
N9 AMP D . -4.50 10.94 -9.01
C8 AMP D . -5.66 10.25 -8.79
N7 AMP D . -6.64 11.07 -8.52
C5 AMP D . -6.17 12.35 -8.56
C6 AMP D . -6.74 13.64 -8.37
N6 AMP D . -8.07 13.78 -8.06
N1 AMP D . -5.94 14.73 -8.48
C2 AMP D . -4.64 14.62 -8.79
N3 AMP D . -4.07 13.42 -8.99
C4 AMP D . -4.79 12.27 -8.88
#